data_7HS3
#
_entry.id   7HS3
#
_cell.length_a   99.147
_cell.length_b   99.052
_cell.length_c   128.523
_cell.angle_alpha   90.00
_cell.angle_beta   90.00
_cell.angle_gamma   90.00
#
_symmetry.space_group_name_H-M   'I 2 2 2'
#
loop_
_entity.id
_entity.type
_entity.pdbx_description
1 polymer 'Oleoyl-acyl carrier protein thioesterase 1, chloroplastic'
2 non-polymer 'SULFATE ION'
3 non-polymer N-methylisoquinolin-1-amine
4 water water
#
_entity_poly.entity_id   1
_entity_poly.type   'polypeptide(L)'
_entity_poly.pdbx_seq_one_letter_code
;MGSLTEDGLSYKEKFVVRSYEVGSNKTATVETIANLLQEVGCNHAQSVGFSTDGFATTTTMRKLHLIWVTARMHIEIYKY
PAWGDVVEIETWCQSEGRIGTRRDWILKDSVTGEVTGRATSKWVMMNQDTRRLQKVSDDVRDEYLVFCPQEPRLAFPEEN
NRSLKKIPKLEDPAQYSMIGLKPRRADLDMNQHVNNVTYIGWVLESIPQEIVDTHELQVITLDYRRECQQDDVVDSLTTT
TSEIGGTNGSATSGTQGHNDSQFLHLLRLSGDGQEINRGTTLWRKKPSSHHHHHH
;
_entity_poly.pdbx_strand_id   A,B
#
loop_
_chem_comp.id
_chem_comp.type
_chem_comp.name
_chem_comp.formula
A1AJ2 non-polymer N-methylisoquinolin-1-amine 'C10 H10 N2'
SO4 non-polymer 'SULFATE ION' 'O4 S -2'
#
# COMPACT_ATOMS: atom_id res chain seq x y z
N GLY A 2 -15.70 -12.53 0.10
CA GLY A 2 -15.05 -13.84 0.06
C GLY A 2 -15.82 -14.89 0.82
N SER A 3 -15.48 -16.16 0.60
CA SER A 3 -16.17 -17.24 1.28
C SER A 3 -15.39 -18.54 1.26
N LEU A 4 -15.61 -19.39 2.29
CA LEU A 4 -15.09 -20.77 2.29
C LEU A 4 -15.82 -21.52 1.16
N THR A 5 -15.15 -22.45 0.50
CA THR A 5 -15.76 -23.24 -0.56
C THR A 5 -16.77 -24.26 0.04
N GLU A 6 -17.49 -24.99 -0.80
CA GLU A 6 -18.49 -25.98 -0.40
C GLU A 6 -18.00 -26.99 0.68
N ASP A 7 -16.82 -27.61 0.47
CA ASP A 7 -16.32 -28.59 1.46
C ASP A 7 -15.71 -27.95 2.73
N GLY A 8 -15.61 -26.61 2.78
CA GLY A 8 -15.05 -25.86 3.89
C GLY A 8 -13.55 -26.03 4.09
N LEU A 9 -12.83 -26.61 3.12
CA LEU A 9 -11.39 -26.84 3.26
C LEU A 9 -10.49 -25.84 2.49
N SER A 10 -11.09 -24.81 1.89
CA SER A 10 -10.35 -23.76 1.19
C SER A 10 -11.20 -22.48 1.15
N TYR A 11 -10.59 -21.35 0.79
CA TYR A 11 -11.27 -20.06 0.81
C TYR A 11 -11.01 -19.31 -0.49
N LYS A 12 -12.04 -18.65 -1.06
CA LYS A 12 -11.92 -17.87 -2.29
C LYS A 12 -12.33 -16.42 -2.09
N GLU A 13 -11.67 -15.49 -2.77
CA GLU A 13 -12.01 -14.09 -2.70
C GLU A 13 -11.65 -13.38 -4.00
N LYS A 14 -12.49 -12.42 -4.41
CA LYS A 14 -12.25 -11.63 -5.61
C LYS A 14 -11.78 -10.24 -5.23
N PHE A 15 -10.90 -9.67 -6.08
CA PHE A 15 -10.36 -8.33 -5.87
C PHE A 15 -10.33 -7.59 -7.19
N VAL A 16 -10.72 -6.31 -7.18
CA VAL A 16 -10.65 -5.47 -8.37
C VAL A 16 -9.32 -4.70 -8.22
N VAL A 17 -8.41 -4.79 -9.20
CA VAL A 17 -7.12 -4.09 -9.14
C VAL A 17 -7.29 -2.52 -9.13
N ARG A 18 -6.71 -1.86 -8.12
CA ARG A 18 -6.79 -0.39 -7.92
C ARG A 18 -5.73 0.43 -8.68
N SER A 19 -6.03 1.71 -8.97
CA SER A 19 -5.12 2.61 -9.69
C SER A 19 -3.73 2.74 -9.04
N TYR A 20 -3.68 2.85 -7.69
CA TYR A 20 -2.41 2.99 -6.97
C TYR A 20 -1.64 1.65 -6.78
N GLU A 21 -2.27 0.54 -7.12
CA GLU A 21 -1.70 -0.81 -6.99
C GLU A 21 -0.89 -1.26 -8.22
N VAL A 22 -0.91 -0.48 -9.32
CA VAL A 22 -0.24 -0.86 -10.56
C VAL A 22 1.06 -0.10 -10.83
N GLY A 23 1.95 -0.75 -11.58
CA GLY A 23 3.23 -0.22 -12.02
C GLY A 23 3.16 0.48 -13.38
N SER A 24 4.33 0.67 -14.01
N SER A 24 4.33 0.68 -14.01
N SER A 24 4.33 0.67 -14.01
CA SER A 24 4.50 1.34 -15.31
CA SER A 24 4.48 1.35 -15.31
CA SER A 24 4.50 1.34 -15.31
C SER A 24 3.70 0.72 -16.46
C SER A 24 3.71 0.71 -16.47
C SER A 24 3.70 0.72 -16.46
N ASN A 25 3.50 -0.60 -16.43
CA ASN A 25 2.74 -1.27 -17.51
C ASN A 25 1.21 -1.35 -17.23
N LYS A 26 0.74 -0.64 -16.19
CA LYS A 26 -0.67 -0.59 -15.78
C LYS A 26 -1.21 -1.94 -15.34
N THR A 27 -0.33 -2.80 -14.80
CA THR A 27 -0.70 -4.09 -14.24
C THR A 27 -0.19 -4.15 -12.77
N ALA A 28 -0.82 -5.00 -11.95
CA ALA A 28 -0.49 -5.09 -10.52
C ALA A 28 0.98 -5.40 -10.26
N THR A 29 1.59 -4.73 -9.29
CA THR A 29 2.98 -5.04 -8.92
C THR A 29 3.00 -6.38 -8.17
N VAL A 30 4.18 -7.00 -8.02
CA VAL A 30 4.29 -8.24 -7.25
C VAL A 30 4.00 -7.98 -5.75
N GLU A 31 4.25 -6.74 -5.26
CA GLU A 31 3.94 -6.38 -3.89
C GLU A 31 2.44 -6.27 -3.68
N THR A 32 1.69 -5.78 -4.68
CA THR A 32 0.22 -5.76 -4.60
C THR A 32 -0.28 -7.21 -4.55
N ILE A 33 0.25 -8.09 -5.40
CA ILE A 33 -0.11 -9.50 -5.37
C ILE A 33 0.15 -10.11 -3.99
N ALA A 34 1.36 -9.89 -3.43
CA ALA A 34 1.73 -10.41 -2.11
C ALA A 34 0.81 -9.89 -1.00
N ASN A 35 0.37 -8.62 -1.07
CA ASN A 35 -0.57 -8.05 -0.10
C ASN A 35 -1.93 -8.77 -0.23
N LEU A 36 -2.41 -9.02 -1.46
CA LEU A 36 -3.69 -9.71 -1.69
C LEU A 36 -3.61 -11.15 -1.17
N LEU A 37 -2.44 -11.81 -1.33
CA LEU A 37 -2.26 -13.18 -0.81
C LEU A 37 -2.42 -13.18 0.72
N GLN A 38 -1.80 -12.21 1.40
CA GLN A 38 -1.90 -12.14 2.85
C GLN A 38 -3.32 -11.76 3.29
N GLU A 39 -4.01 -10.90 2.54
CA GLU A 39 -5.38 -10.52 2.84
C GLU A 39 -6.34 -11.74 2.76
N VAL A 40 -6.22 -12.56 1.70
CA VAL A 40 -7.07 -13.73 1.57
C VAL A 40 -6.73 -14.79 2.67
N GLY A 41 -5.45 -14.88 3.07
CA GLY A 41 -5.02 -15.78 4.13
C GLY A 41 -5.63 -15.35 5.46
N CYS A 42 -5.69 -14.02 5.72
N CYS A 42 -5.70 -14.05 5.71
N CYS A 42 -5.69 -14.02 5.72
CA CYS A 42 -6.28 -13.47 6.93
CA CYS A 42 -6.28 -13.52 6.93
CA CYS A 42 -6.28 -13.47 6.93
C CYS A 42 -7.79 -13.73 6.97
C CYS A 42 -7.79 -13.74 6.96
C CYS A 42 -7.79 -13.73 6.97
N ASN A 43 -8.47 -13.59 5.82
CA ASN A 43 -9.92 -13.80 5.73
C ASN A 43 -10.27 -15.30 5.89
N HIS A 44 -9.40 -16.20 5.42
CA HIS A 44 -9.60 -17.64 5.60
C HIS A 44 -9.50 -17.97 7.11
N ALA A 45 -8.48 -17.42 7.81
CA ALA A 45 -8.27 -17.63 9.24
C ALA A 45 -9.48 -17.11 10.08
N GLN A 46 -9.99 -15.93 9.74
CA GLN A 46 -11.15 -15.38 10.45
C GLN A 46 -12.40 -16.22 10.25
N SER A 47 -12.60 -16.70 9.00
N SER A 47 -12.62 -16.70 9.01
N SER A 47 -12.60 -16.70 9.00
CA SER A 47 -13.77 -17.51 8.65
CA SER A 47 -13.79 -17.50 8.67
CA SER A 47 -13.77 -17.51 8.65
C SER A 47 -13.86 -18.81 9.44
C SER A 47 -13.88 -18.80 9.46
C SER A 47 -13.86 -18.81 9.44
N VAL A 48 -12.73 -19.34 9.93
CA VAL A 48 -12.75 -20.58 10.70
C VAL A 48 -12.43 -20.40 12.21
N GLY A 49 -12.47 -19.16 12.69
CA GLY A 49 -12.30 -18.86 14.11
C GLY A 49 -10.90 -18.64 14.68
N PHE A 50 -9.87 -18.46 13.85
CA PHE A 50 -8.53 -18.19 14.36
C PHE A 50 -8.30 -16.67 14.53
N SER A 51 -7.21 -16.26 15.23
CA SER A 51 -6.80 -14.84 15.43
C SER A 51 -5.45 -14.72 16.14
N ALA A 56 -2.51 -16.25 13.02
CA ALA A 56 -3.58 -17.25 12.93
C ALA A 56 -3.39 -18.28 14.05
N THR A 57 -3.39 -17.81 15.30
CA THR A 57 -3.16 -18.65 16.47
C THR A 57 -4.37 -19.44 16.94
N THR A 58 -4.10 -20.64 17.46
CA THR A 58 -5.12 -21.48 18.07
C THR A 58 -5.21 -21.13 19.59
N THR A 59 -6.15 -21.74 20.31
CA THR A 59 -6.35 -21.54 21.74
C THR A 59 -5.12 -22.01 22.51
N THR A 60 -4.55 -23.17 22.13
CA THR A 60 -3.37 -23.72 22.79
C THR A 60 -2.13 -22.83 22.54
N MET A 61 -2.02 -22.28 21.33
N MET A 61 -2.02 -22.28 21.32
N MET A 61 -2.02 -22.28 21.33
CA MET A 61 -0.90 -21.41 20.98
CA MET A 61 -0.90 -21.41 20.97
CA MET A 61 -0.90 -21.41 20.98
C MET A 61 -0.92 -20.10 21.76
C MET A 61 -0.92 -20.11 21.77
C MET A 61 -0.92 -20.10 21.76
N ARG A 62 -2.10 -19.48 21.89
CA ARG A 62 -2.25 -18.20 22.60
C ARG A 62 -1.82 -18.24 24.09
N LYS A 63 -2.17 -19.31 24.82
CA LYS A 63 -1.77 -19.41 26.23
C LYS A 63 -0.26 -19.66 26.36
N LEU A 64 0.32 -20.42 25.41
CA LEU A 64 1.76 -20.71 25.40
C LEU A 64 2.63 -19.61 24.77
N HIS A 65 2.02 -18.49 24.33
CA HIS A 65 2.70 -17.39 23.66
C HIS A 65 3.41 -17.87 22.37
N LEU A 66 2.75 -18.74 21.59
CA LEU A 66 3.26 -19.24 20.33
C LEU A 66 2.58 -18.57 19.15
N ILE A 67 3.35 -18.33 18.05
CA ILE A 67 2.85 -17.73 16.80
C ILE A 67 3.43 -18.48 15.58
N TRP A 68 2.78 -18.31 14.42
CA TRP A 68 3.25 -18.81 13.15
C TRP A 68 4.05 -17.67 12.51
N VAL A 69 5.22 -17.98 12.00
CA VAL A 69 6.05 -17.00 11.32
C VAL A 69 6.50 -17.57 9.96
N THR A 70 6.59 -16.72 8.92
CA THR A 70 7.02 -17.18 7.58
C THR A 70 8.50 -17.51 7.52
N ALA A 71 8.82 -18.70 7.01
CA ALA A 71 10.21 -19.11 6.78
C ALA A 71 10.54 -18.89 5.29
N ARG A 72 9.60 -19.17 4.37
CA ARG A 72 9.84 -18.99 2.95
C ARG A 72 8.54 -18.63 2.23
N MET A 73 8.64 -17.74 1.22
CA MET A 73 7.55 -17.32 0.35
C MET A 73 8.03 -17.61 -1.10
N HIS A 74 7.20 -18.22 -1.93
CA HIS A 74 7.54 -18.52 -3.31
C HIS A 74 6.32 -18.14 -4.19
N ILE A 75 6.53 -17.21 -5.14
CA ILE A 75 5.44 -16.75 -6.00
C ILE A 75 5.84 -16.85 -7.47
N GLU A 76 4.93 -17.37 -8.31
CA GLU A 76 5.12 -17.46 -9.74
C GLU A 76 3.94 -16.78 -10.46
N ILE A 77 4.23 -15.76 -11.27
CA ILE A 77 3.18 -15.03 -11.99
C ILE A 77 3.35 -15.24 -13.50
N TYR A 78 2.28 -15.73 -14.17
CA TYR A 78 2.26 -15.90 -15.62
C TYR A 78 1.71 -14.62 -16.28
N LYS A 79 0.68 -14.01 -15.66
CA LYS A 79 0.10 -12.79 -16.18
C LYS A 79 -0.34 -11.90 -15.01
N TYR A 80 0.17 -10.67 -14.94
CA TYR A 80 -0.21 -9.72 -13.90
C TYR A 80 -1.56 -9.11 -14.28
N PRO A 81 -2.52 -9.06 -13.35
CA PRO A 81 -3.85 -8.51 -13.71
C PRO A 81 -3.76 -7.01 -13.96
N ALA A 82 -4.51 -6.55 -14.95
CA ALA A 82 -4.52 -5.14 -15.29
C ALA A 82 -5.37 -4.32 -14.31
N TRP A 83 -5.10 -3.02 -14.25
CA TRP A 83 -5.88 -2.07 -13.48
C TRP A 83 -7.37 -2.14 -13.91
N GLY A 84 -8.25 -2.35 -12.94
CA GLY A 84 -9.67 -2.51 -13.22
C GLY A 84 -10.10 -3.96 -13.43
N ASP A 85 -9.15 -4.88 -13.60
CA ASP A 85 -9.47 -6.29 -13.78
C ASP A 85 -9.82 -6.97 -12.45
N VAL A 86 -10.61 -8.05 -12.51
CA VAL A 86 -10.98 -8.78 -11.32
C VAL A 86 -10.13 -10.05 -11.26
N VAL A 87 -9.43 -10.26 -10.15
CA VAL A 87 -8.64 -11.45 -9.93
C VAL A 87 -9.31 -12.31 -8.83
N GLU A 88 -9.37 -13.64 -9.02
CA GLU A 88 -9.92 -14.51 -7.99
C GLU A 88 -8.78 -15.32 -7.37
N ILE A 89 -8.68 -15.31 -6.04
CA ILE A 89 -7.63 -16.04 -5.35
C ILE A 89 -8.22 -17.12 -4.44
N GLU A 90 -7.77 -18.36 -4.62
CA GLU A 90 -8.19 -19.47 -3.75
C GLU A 90 -6.98 -19.85 -2.87
N THR A 91 -7.20 -20.06 -1.58
CA THR A 91 -6.14 -20.41 -0.64
C THR A 91 -6.54 -21.57 0.30
N TRP A 92 -5.56 -22.34 0.72
CA TRP A 92 -5.75 -23.42 1.65
C TRP A 92 -4.45 -23.67 2.43
N CYS A 93 -4.55 -24.36 3.56
N CYS A 93 -4.56 -24.37 3.56
N CYS A 93 -4.55 -24.36 3.56
CA CYS A 93 -3.37 -24.69 4.35
CA CYS A 93 -3.43 -24.73 4.41
CA CYS A 93 -3.37 -24.69 4.35
C CYS A 93 -3.25 -26.19 4.58
C CYS A 93 -3.24 -26.22 4.49
C CYS A 93 -3.25 -26.19 4.58
N GLN A 94 -2.02 -26.66 4.83
CA GLN A 94 -1.75 -28.06 5.06
C GLN A 94 -0.71 -28.19 6.15
N SER A 95 -0.85 -29.20 6.98
CA SER A 95 0.13 -29.48 8.01
C SER A 95 1.30 -30.24 7.35
N GLU A 96 2.54 -29.96 7.76
CA GLU A 96 3.71 -30.67 7.25
C GLU A 96 4.39 -31.38 8.40
N GLY A 97 3.62 -32.18 9.11
CA GLY A 97 4.11 -32.92 10.26
C GLY A 97 4.52 -31.99 11.38
N ARG A 98 5.66 -32.29 12.01
CA ARG A 98 6.14 -31.45 13.11
C ARG A 98 6.99 -30.26 12.66
N ILE A 99 7.33 -30.18 11.36
CA ILE A 99 8.12 -29.09 10.81
C ILE A 99 7.37 -27.76 10.89
N GLY A 100 6.12 -27.76 10.45
CA GLY A 100 5.30 -26.56 10.46
C GLY A 100 4.10 -26.69 9.56
N THR A 101 3.66 -25.57 8.98
CA THR A 101 2.51 -25.56 8.09
C THR A 101 2.87 -24.94 6.73
N ARG A 102 1.99 -25.13 5.77
CA ARG A 102 2.17 -24.59 4.45
C ARG A 102 0.87 -23.89 4.05
N ARG A 103 0.95 -22.67 3.47
CA ARG A 103 -0.24 -22.04 2.93
C ARG A 103 0.00 -21.94 1.43
N ASP A 104 -0.95 -22.39 0.60
CA ASP A 104 -0.84 -22.29 -0.86
C ASP A 104 -1.92 -21.39 -1.45
N TRP A 105 -1.65 -20.80 -2.62
CA TRP A 105 -2.61 -19.95 -3.32
C TRP A 105 -2.62 -20.23 -4.82
N ILE A 106 -3.79 -20.04 -5.47
CA ILE A 106 -3.95 -20.11 -6.91
C ILE A 106 -4.64 -18.82 -7.32
N LEU A 107 -4.06 -18.10 -8.29
CA LEU A 107 -4.66 -16.86 -8.77
C LEU A 107 -5.24 -17.11 -10.14
N LYS A 108 -6.46 -16.63 -10.37
CA LYS A 108 -7.14 -16.81 -11.64
C LYS A 108 -7.73 -15.51 -12.16
N ASP A 109 -7.80 -15.39 -13.49
CA ASP A 109 -8.48 -14.27 -14.13
C ASP A 109 -9.98 -14.61 -13.97
N SER A 110 -10.77 -13.72 -13.37
CA SER A 110 -12.18 -14.00 -13.10
C SER A 110 -13.04 -14.16 -14.35
N VAL A 111 -12.72 -13.43 -15.42
CA VAL A 111 -13.48 -13.48 -16.65
C VAL A 111 -13.21 -14.79 -17.43
N THR A 112 -11.93 -15.11 -17.66
CA THR A 112 -11.57 -16.30 -18.45
C THR A 112 -11.47 -17.61 -17.65
N GLY A 113 -11.28 -17.49 -16.34
CA GLY A 113 -11.13 -18.65 -15.46
C GLY A 113 -9.76 -19.32 -15.53
N GLU A 114 -8.81 -18.74 -16.28
CA GLU A 114 -7.48 -19.31 -16.43
C GLU A 114 -6.53 -18.99 -15.26
N VAL A 115 -5.62 -19.92 -14.97
CA VAL A 115 -4.65 -19.72 -13.89
C VAL A 115 -3.58 -18.71 -14.33
N THR A 116 -3.51 -17.56 -13.65
CA THR A 116 -2.54 -16.52 -13.97
C THR A 116 -1.35 -16.48 -13.00
N GLY A 117 -1.42 -17.20 -11.89
CA GLY A 117 -0.35 -17.23 -10.90
C GLY A 117 -0.55 -18.29 -9.84
N ARG A 118 0.52 -18.58 -9.08
CA ARG A 118 0.43 -19.51 -7.96
C ARG A 118 1.50 -19.19 -6.94
N ALA A 119 1.21 -19.51 -5.68
CA ALA A 119 2.15 -19.22 -4.62
C ALA A 119 2.10 -20.25 -3.51
N THR A 120 3.21 -20.35 -2.78
CA THR A 120 3.32 -21.28 -1.67
C THR A 120 4.17 -20.66 -0.59
N SER A 121 3.86 -20.97 0.67
CA SER A 121 4.62 -20.42 1.78
C SER A 121 4.78 -21.42 2.92
N LYS A 122 5.97 -21.47 3.52
CA LYS A 122 6.30 -22.34 4.63
C LYS A 122 6.29 -21.50 5.92
N TRP A 123 5.62 -22.00 6.96
CA TRP A 123 5.48 -21.32 8.23
C TRP A 123 6.02 -22.21 9.35
N VAL A 124 6.72 -21.62 10.33
CA VAL A 124 7.24 -22.34 11.48
C VAL A 124 6.66 -21.76 12.78
N MET A 125 6.61 -22.58 13.82
CA MET A 125 6.08 -22.14 15.11
C MET A 125 7.22 -21.52 15.91
N MET A 126 6.94 -20.39 16.54
CA MET A 126 7.96 -19.67 17.31
C MET A 126 7.33 -19.09 18.58
N ASN A 127 8.11 -19.06 19.67
CA ASN A 127 7.64 -18.42 20.89
C ASN A 127 7.78 -16.91 20.61
N GLN A 128 6.69 -16.16 20.79
CA GLN A 128 6.57 -14.70 20.57
C GLN A 128 7.68 -13.88 21.24
N ASP A 129 8.03 -14.27 22.47
CA ASP A 129 8.94 -13.55 23.36
C ASP A 129 10.41 -13.93 23.22
N THR A 130 10.74 -15.23 23.38
CA THR A 130 12.13 -15.67 23.25
C THR A 130 12.63 -15.78 21.82
N ARG A 131 11.69 -15.80 20.83
CA ARG A 131 11.97 -15.97 19.40
C ARG A 131 12.52 -17.37 19.10
N ARG A 132 12.28 -18.35 19.99
CA ARG A 132 12.77 -19.70 19.78
C ARG A 132 11.77 -20.54 18.99
N LEU A 133 12.27 -21.19 17.94
CA LEU A 133 11.45 -22.06 17.10
C LEU A 133 11.20 -23.37 17.82
N GLN A 134 10.12 -24.06 17.45
CA GLN A 134 9.81 -25.37 18.01
C GLN A 134 8.96 -26.20 17.08
N LYS A 135 9.05 -27.52 17.24
CA LYS A 135 8.28 -28.49 16.48
C LYS A 135 6.79 -28.39 16.85
N VAL A 136 5.91 -28.72 15.91
CA VAL A 136 4.47 -28.67 16.16
C VAL A 136 4.03 -29.86 17.03
N SER A 137 3.36 -29.56 18.14
CA SER A 137 2.87 -30.61 19.04
C SER A 137 1.58 -31.26 18.49
N ASP A 138 1.18 -32.44 19.02
CA ASP A 138 -0.05 -33.10 18.61
C ASP A 138 -1.27 -32.26 18.94
N ASP A 139 -1.26 -31.57 20.09
CA ASP A 139 -2.38 -30.73 20.50
C ASP A 139 -2.63 -29.61 19.49
N VAL A 140 -1.56 -28.97 18.99
CA VAL A 140 -1.72 -27.91 18.01
C VAL A 140 -2.09 -28.51 16.64
N ARG A 141 -1.41 -29.59 16.26
CA ARG A 141 -1.64 -30.28 14.99
C ARG A 141 -3.09 -30.72 14.80
N ASP A 142 -3.70 -31.34 15.82
CA ASP A 142 -5.08 -31.81 15.76
C ASP A 142 -6.06 -30.66 15.63
N GLU A 143 -5.78 -29.54 16.34
CA GLU A 143 -6.63 -28.36 16.32
C GLU A 143 -6.76 -27.72 14.94
N TYR A 144 -5.72 -27.78 14.08
CA TYR A 144 -5.82 -27.17 12.75
C TYR A 144 -6.09 -28.18 11.63
N LEU A 145 -5.92 -29.49 11.87
CA LEU A 145 -6.11 -30.53 10.86
C LEU A 145 -7.54 -30.63 10.32
N VAL A 146 -8.54 -30.29 11.15
CA VAL A 146 -9.94 -30.29 10.72
C VAL A 146 -10.28 -29.14 9.73
N PHE A 147 -9.34 -28.22 9.48
CA PHE A 147 -9.53 -27.10 8.54
C PHE A 147 -8.67 -27.28 7.25
N CYS A 148 -7.95 -28.39 7.13
CA CYS A 148 -7.04 -28.69 6.04
C CYS A 148 -7.50 -29.92 5.27
N PRO A 149 -7.22 -29.95 3.95
CA PRO A 149 -7.50 -31.20 3.19
C PRO A 149 -6.63 -32.34 3.74
N GLN A 150 -7.14 -33.57 3.79
CA GLN A 150 -6.37 -34.70 4.33
C GLN A 150 -5.42 -35.30 3.28
N GLU A 151 -5.89 -35.39 2.03
CA GLU A 151 -5.03 -35.81 0.93
C GLU A 151 -4.18 -34.60 0.49
N PRO A 152 -2.92 -34.82 0.02
CA PRO A 152 -2.09 -33.67 -0.38
C PRO A 152 -2.71 -32.86 -1.50
N ARG A 153 -2.63 -31.54 -1.39
CA ARG A 153 -3.12 -30.59 -2.37
C ARG A 153 -2.02 -29.52 -2.49
N LEU A 154 -1.31 -29.51 -3.62
CA LEU A 154 -0.18 -28.62 -3.78
C LEU A 154 -0.31 -27.66 -4.93
N ALA A 155 -0.01 -26.38 -4.68
CA ALA A 155 0.04 -25.40 -5.77
C ALA A 155 1.25 -25.73 -6.69
N PHE A 156 2.33 -26.30 -6.14
CA PHE A 156 3.52 -26.67 -6.87
C PHE A 156 3.75 -28.18 -6.75
N PRO A 157 3.05 -28.97 -7.58
CA PRO A 157 3.21 -30.43 -7.49
C PRO A 157 4.45 -31.02 -8.21
N GLU A 158 4.97 -30.36 -9.26
CA GLU A 158 6.14 -30.83 -10.04
C GLU A 158 7.27 -31.47 -9.20
N GLU A 159 7.95 -32.50 -9.77
CA GLU A 159 9.01 -33.27 -9.08
C GLU A 159 10.20 -32.43 -8.57
N ASN A 160 10.79 -31.58 -9.41
CA ASN A 160 11.93 -30.76 -8.97
C ASN A 160 11.55 -29.29 -9.15
N ASN A 161 10.47 -28.86 -8.49
CA ASN A 161 9.98 -27.50 -8.65
C ASN A 161 10.84 -26.45 -7.93
N ARG A 162 10.79 -25.21 -8.43
CA ARG A 162 11.56 -24.07 -7.95
C ARG A 162 11.29 -23.66 -6.49
N SER A 163 10.10 -24.02 -5.95
CA SER A 163 9.72 -23.63 -4.59
C SER A 163 10.52 -24.32 -3.50
N LEU A 164 11.20 -25.43 -3.80
CA LEU A 164 11.94 -26.16 -2.78
C LEU A 164 13.47 -26.09 -2.95
N LYS A 165 13.97 -25.24 -3.84
CA LYS A 165 15.41 -25.17 -4.10
C LYS A 165 16.18 -24.50 -2.97
N LYS A 166 17.42 -24.96 -2.72
CA LYS A 166 18.28 -24.39 -1.69
C LYS A 166 18.82 -23.04 -2.21
N ILE A 167 18.79 -21.98 -1.40
CA ILE A 167 19.30 -20.68 -1.86
C ILE A 167 20.68 -20.38 -1.25
N PRO A 168 21.71 -20.14 -2.07
CA PRO A 168 23.05 -19.84 -1.52
C PRO A 168 23.18 -18.41 -0.98
N LYS A 169 24.26 -18.15 -0.22
CA LYS A 169 24.50 -16.83 0.34
C LYS A 169 25.36 -16.02 -0.62
N LEU A 170 24.86 -14.85 -1.05
CA LEU A 170 25.56 -13.96 -1.97
C LEU A 170 26.94 -13.58 -1.39
N GLU A 171 27.98 -13.66 -2.21
CA GLU A 171 29.36 -13.32 -1.78
C GLU A 171 29.75 -11.89 -2.17
N ASP A 172 30.41 -11.15 -1.26
CA ASP A 172 30.87 -9.78 -1.58
C ASP A 172 32.04 -9.86 -2.58
N PRO A 173 32.15 -8.93 -3.55
CA PRO A 173 31.27 -7.79 -3.77
C PRO A 173 30.00 -8.10 -4.58
N ALA A 174 28.88 -7.42 -4.23
CA ALA A 174 27.65 -7.58 -4.98
C ALA A 174 27.77 -6.83 -6.31
N GLN A 175 27.05 -7.29 -7.35
CA GLN A 175 27.08 -6.59 -8.63
C GLN A 175 26.30 -5.28 -8.52
N TYR A 176 25.14 -5.31 -7.83
CA TYR A 176 24.27 -4.14 -7.62
C TYR A 176 23.89 -3.99 -6.12
N SER A 177 23.56 -2.77 -5.68
CA SER A 177 23.17 -2.55 -4.29
C SER A 177 22.27 -1.32 -4.12
N MET A 178 21.46 -1.34 -3.08
CA MET A 178 20.63 -0.22 -2.68
C MET A 178 20.82 -0.18 -1.16
N ILE A 179 21.40 0.89 -0.67
CA ILE A 179 21.84 1.06 0.71
C ILE A 179 20.95 1.97 1.55
N GLY A 180 20.92 1.77 2.87
CA GLY A 180 20.21 2.68 3.76
C GLY A 180 18.70 2.65 3.72
N LEU A 181 18.10 1.50 3.35
CA LEU A 181 16.64 1.29 3.32
C LEU A 181 16.06 1.22 4.76
N LYS A 182 15.03 2.02 5.06
CA LYS A 182 14.43 2.05 6.39
C LYS A 182 12.91 1.96 6.27
N PRO A 183 12.24 1.20 7.14
CA PRO A 183 10.78 1.16 7.10
C PRO A 183 10.14 2.43 7.68
N ARG A 184 9.04 2.87 7.09
CA ARG A 184 8.26 3.99 7.66
C ARG A 184 6.97 3.35 8.26
N ARG A 185 6.09 4.14 8.92
CA ARG A 185 4.89 3.57 9.56
C ARG A 185 3.99 2.78 8.63
N ALA A 186 3.86 3.19 7.35
CA ALA A 186 3.05 2.45 6.37
C ALA A 186 3.61 1.05 6.11
N ASP A 187 4.89 0.79 6.39
CA ASP A 187 5.49 -0.55 6.24
C ASP A 187 5.17 -1.50 7.40
N LEU A 188 4.59 -0.99 8.48
CA LEU A 188 4.31 -1.81 9.66
C LEU A 188 2.90 -2.41 9.61
N ASP A 189 2.72 -3.58 10.24
CA ASP A 189 1.42 -4.22 10.35
C ASP A 189 0.71 -3.72 11.63
N MET A 190 -0.47 -4.29 11.95
CA MET A 190 -1.23 -3.92 13.13
C MET A 190 -0.49 -4.20 14.46
N ASN A 191 0.54 -5.07 14.44
CA ASN A 191 1.34 -5.36 15.65
C ASN A 191 2.64 -4.54 15.75
N GLN A 192 2.81 -3.53 14.85
CA GLN A 192 4.00 -2.67 14.79
C GLN A 192 5.26 -3.43 14.33
N HIS A 193 5.08 -4.55 13.64
CA HIS A 193 6.19 -5.32 13.08
C HIS A 193 6.25 -5.00 11.57
N VAL A 194 7.44 -5.05 10.95
CA VAL A 194 7.56 -4.79 9.52
C VAL A 194 6.77 -5.88 8.74
N ASN A 195 5.88 -5.46 7.85
CA ASN A 195 5.05 -6.37 7.06
C ASN A 195 5.97 -7.23 6.16
N ASN A 196 5.67 -8.54 6.02
CA ASN A 196 6.48 -9.42 5.18
C ASN A 196 6.65 -8.97 3.75
N VAL A 197 5.69 -8.20 3.21
CA VAL A 197 5.72 -7.74 1.83
C VAL A 197 6.80 -6.67 1.61
N THR A 198 7.07 -5.85 2.64
CA THR A 198 8.11 -4.81 2.59
C THR A 198 9.47 -5.40 2.18
N TYR A 199 9.82 -6.61 2.73
CA TYR A 199 11.09 -7.26 2.41
C TYR A 199 11.18 -7.61 0.94
N ILE A 200 10.04 -7.99 0.30
CA ILE A 200 9.97 -8.28 -1.13
C ILE A 200 10.34 -6.98 -1.90
N GLY A 201 9.78 -5.86 -1.48
CA GLY A 201 10.10 -4.56 -2.09
C GLY A 201 11.56 -4.20 -1.95
N TRP A 202 12.14 -4.38 -0.75
CA TRP A 202 13.54 -4.09 -0.48
C TRP A 202 14.46 -4.96 -1.34
N VAL A 203 14.12 -6.26 -1.53
CA VAL A 203 14.90 -7.16 -2.40
C VAL A 203 14.96 -6.60 -3.83
N LEU A 204 13.77 -6.21 -4.35
CA LEU A 204 13.61 -5.70 -5.70
C LEU A 204 14.24 -4.32 -5.94
N GLU A 205 14.52 -3.56 -4.87
CA GLU A 205 15.14 -2.25 -4.96
C GLU A 205 16.55 -2.28 -5.58
N SER A 206 17.28 -3.39 -5.42
CA SER A 206 18.63 -3.47 -5.98
C SER A 206 18.66 -4.03 -7.43
N ILE A 207 17.50 -4.31 -8.04
CA ILE A 207 17.45 -4.73 -9.44
C ILE A 207 17.55 -3.42 -10.25
N PRO A 208 18.43 -3.37 -11.27
CA PRO A 208 18.54 -2.13 -12.07
C PRO A 208 17.24 -1.76 -12.77
N GLN A 209 16.99 -0.45 -12.94
CA GLN A 209 15.78 0.03 -13.58
C GLN A 209 15.62 -0.50 -15.02
N GLU A 210 16.74 -0.70 -15.74
CA GLU A 210 16.72 -1.24 -17.11
C GLU A 210 16.13 -2.64 -17.18
N ILE A 211 16.38 -3.49 -16.16
CA ILE A 211 15.80 -4.83 -16.14
C ILE A 211 14.30 -4.70 -15.93
N VAL A 212 13.88 -3.87 -14.97
CA VAL A 212 12.47 -3.66 -14.67
C VAL A 212 11.70 -3.11 -15.87
N ASP A 213 12.31 -2.18 -16.60
CA ASP A 213 11.73 -1.54 -17.78
C ASP A 213 11.61 -2.46 -19.02
N THR A 214 12.45 -3.50 -19.13
CA THR A 214 12.45 -4.39 -20.29
C THR A 214 12.09 -5.85 -20.00
N HIS A 215 11.85 -6.19 -18.73
CA HIS A 215 11.54 -7.55 -18.32
C HIS A 215 10.34 -7.58 -17.40
N GLU A 216 9.72 -8.75 -17.27
CA GLU A 216 8.65 -8.96 -16.32
C GLU A 216 9.12 -10.00 -15.32
N LEU A 217 8.85 -9.76 -14.04
CA LEU A 217 9.20 -10.72 -12.98
C LEU A 217 8.31 -11.97 -13.09
N GLN A 218 8.93 -13.13 -13.31
CA GLN A 218 8.17 -14.38 -13.38
C GLN A 218 8.15 -15.15 -12.06
N VAL A 219 9.29 -15.28 -11.37
CA VAL A 219 9.38 -16.06 -10.13
C VAL A 219 10.19 -15.33 -9.10
N ILE A 220 9.77 -15.42 -7.82
CA ILE A 220 10.51 -14.88 -6.70
C ILE A 220 10.44 -15.90 -5.56
N THR A 221 11.59 -16.28 -5.02
CA THR A 221 11.69 -17.17 -3.86
C THR A 221 12.41 -16.37 -2.79
N LEU A 222 11.81 -16.22 -1.62
CA LEU A 222 12.41 -15.45 -0.55
C LEU A 222 12.43 -16.22 0.78
N ASP A 223 13.62 -16.40 1.40
CA ASP A 223 13.82 -16.98 2.73
C ASP A 223 13.84 -15.83 3.75
N TYR A 224 13.21 -16.04 4.92
CA TYR A 224 13.15 -15.08 6.02
C TYR A 224 13.98 -15.68 7.17
N ARG A 225 15.06 -15.01 7.52
CA ARG A 225 15.97 -15.50 8.56
C ARG A 225 15.83 -14.76 9.88
N ARG A 226 15.62 -13.45 9.78
CA ARG A 226 15.57 -12.57 10.92
C ARG A 226 14.75 -11.37 10.52
N GLU A 227 14.10 -10.80 11.51
CA GLU A 227 13.26 -9.65 11.34
C GLU A 227 14.03 -8.30 11.33
N CYS A 228 13.55 -7.34 10.53
CA CYS A 228 14.10 -5.99 10.57
C CYS A 228 13.24 -5.26 11.59
N GLN A 229 13.85 -4.66 12.59
CA GLN A 229 13.10 -3.89 13.58
C GLN A 229 12.76 -2.50 13.03
N GLN A 230 11.84 -1.81 13.69
CA GLN A 230 11.39 -0.46 13.30
C GLN A 230 12.55 0.55 13.16
N ASP A 231 13.58 0.45 14.01
CA ASP A 231 14.72 1.37 13.96
C ASP A 231 16.00 0.77 13.31
N ASP A 232 15.84 -0.34 12.57
CA ASP A 232 16.97 -0.96 11.87
C ASP A 232 17.10 -0.31 10.45
N VAL A 233 18.27 -0.45 9.85
CA VAL A 233 18.55 0.05 8.50
C VAL A 233 19.07 -1.13 7.69
N VAL A 234 18.60 -1.27 6.46
CA VAL A 234 18.89 -2.41 5.59
C VAL A 234 19.63 -2.06 4.31
N ASP A 235 20.50 -2.99 3.88
CA ASP A 235 21.21 -2.92 2.61
C ASP A 235 20.68 -4.08 1.75
N SER A 236 20.32 -3.80 0.49
CA SER A 236 19.77 -4.77 -0.45
C SER A 236 20.85 -5.05 -1.53
N LEU A 237 21.26 -6.30 -1.66
CA LEU A 237 22.33 -6.68 -2.57
C LEU A 237 21.83 -7.70 -3.61
N THR A 238 22.27 -7.56 -4.88
CA THR A 238 21.91 -8.40 -6.01
C THR A 238 23.10 -8.68 -6.95
N THR A 239 23.20 -9.93 -7.44
CA THR A 239 24.19 -10.34 -8.41
C THR A 239 23.48 -11.20 -9.47
N THR A 240 23.75 -10.93 -10.75
CA THR A 240 23.18 -11.73 -11.83
C THR A 240 23.79 -13.13 -11.79
N THR A 241 22.98 -14.18 -11.89
CA THR A 241 23.51 -15.56 -11.93
C THR A 241 23.28 -16.26 -13.28
N SER A 242 22.57 -15.62 -14.23
CA SER A 242 22.34 -16.23 -15.54
C SER A 242 23.54 -16.06 -16.51
N ASN A 259 17.60 -15.39 -23.01
CA ASN A 259 16.30 -14.73 -22.98
C ASN A 259 15.73 -14.52 -21.56
N ASP A 260 16.23 -15.28 -20.57
CA ASP A 260 15.80 -15.12 -19.19
C ASP A 260 16.93 -14.54 -18.33
N SER A 261 16.61 -13.73 -17.32
CA SER A 261 17.61 -13.18 -16.41
C SER A 261 17.31 -13.70 -14.99
N GLN A 262 18.32 -14.23 -14.31
CA GLN A 262 18.17 -14.72 -12.94
C GLN A 262 19.14 -13.95 -12.06
N PHE A 263 18.73 -13.69 -10.82
CA PHE A 263 19.52 -12.94 -9.85
C PHE A 263 19.51 -13.65 -8.51
N LEU A 264 20.58 -13.43 -7.73
CA LEU A 264 20.71 -13.90 -6.37
C LEU A 264 20.62 -12.63 -5.50
N HIS A 265 19.88 -12.69 -4.41
CA HIS A 265 19.64 -11.53 -3.56
C HIS A 265 20.00 -11.78 -2.11
N LEU A 266 20.37 -10.71 -1.41
CA LEU A 266 20.67 -10.72 0.02
C LEU A 266 20.27 -9.40 0.67
N LEU A 267 19.45 -9.45 1.75
CA LEU A 267 19.12 -8.30 2.59
C LEU A 267 19.91 -8.49 3.87
N ARG A 268 20.62 -7.47 4.32
CA ARG A 268 21.40 -7.55 5.54
C ARG A 268 21.36 -6.21 6.30
N LEU A 269 21.57 -6.23 7.62
CA LEU A 269 21.56 -4.99 8.40
C LEU A 269 22.75 -4.13 8.00
N SER A 270 22.51 -2.85 7.74
CA SER A 270 23.49 -1.88 7.28
C SER A 270 24.77 -1.79 8.12
N GLY A 271 24.64 -1.97 9.41
CA GLY A 271 25.77 -1.89 10.32
C GLY A 271 26.60 -3.16 10.36
N ASP A 272 26.20 -4.11 11.21
CA ASP A 272 26.97 -5.34 11.41
C ASP A 272 26.91 -6.35 10.24
N GLY A 273 26.05 -6.12 9.24
CA GLY A 273 25.96 -7.05 8.11
C GLY A 273 25.23 -8.37 8.41
N GLN A 274 24.42 -8.37 9.47
CA GLN A 274 23.58 -9.49 9.88
C GLN A 274 22.55 -9.82 8.78
N GLU A 275 22.50 -11.07 8.31
CA GLU A 275 21.54 -11.47 7.29
C GLU A 275 20.08 -11.44 7.81
N ILE A 276 19.17 -10.80 7.06
CA ILE A 276 17.77 -10.81 7.41
C ILE A 276 16.97 -11.67 6.39
N ASN A 277 17.35 -11.63 5.09
CA ASN A 277 16.73 -12.45 4.02
C ASN A 277 17.73 -12.82 2.93
N ARG A 278 17.41 -13.87 2.20
CA ARG A 278 18.11 -14.27 0.98
C ARG A 278 17.06 -14.71 -0.02
N GLY A 279 17.31 -14.52 -1.31
CA GLY A 279 16.34 -14.91 -2.31
C GLY A 279 16.88 -14.99 -3.71
N THR A 280 16.02 -15.44 -4.62
CA THR A 280 16.32 -15.52 -6.06
C THR A 280 15.11 -14.97 -6.84
N THR A 281 15.37 -14.34 -7.99
CA THR A 281 14.30 -13.90 -8.88
C THR A 281 14.59 -14.37 -10.32
N LEU A 282 13.53 -14.64 -11.10
CA LEU A 282 13.65 -15.04 -12.50
C LEU A 282 12.80 -14.06 -13.33
N TRP A 283 13.39 -13.43 -14.35
CA TRP A 283 12.71 -12.42 -15.15
C TRP A 283 12.69 -12.84 -16.64
N ARG A 284 11.57 -12.58 -17.34
CA ARG A 284 11.53 -12.87 -18.77
C ARG A 284 11.45 -11.59 -19.59
N LYS A 285 12.08 -11.59 -20.76
CA LYS A 285 12.10 -10.42 -21.64
C LYS A 285 10.68 -10.14 -22.14
N LYS A 286 10.24 -8.86 -22.08
CA LYS A 286 8.90 -8.46 -22.51
C LYS A 286 8.67 -8.76 -24.00
N GLY B 2 -18.52 0.59 -7.91
CA GLY B 2 -18.84 2.00 -7.79
C GLY B 2 -19.73 2.49 -8.92
N SER B 3 -20.34 3.67 -8.74
CA SER B 3 -21.20 4.20 -9.79
C SER B 3 -21.44 5.69 -9.64
N LEU B 4 -21.68 6.38 -10.78
CA LEU B 4 -22.13 7.77 -10.76
C LEU B 4 -23.54 7.78 -10.12
N THR B 5 -23.89 8.83 -9.39
CA THR B 5 -25.20 8.94 -8.75
C THR B 5 -26.28 9.22 -9.84
N GLU B 6 -27.55 9.26 -9.44
CA GLU B 6 -28.69 9.51 -10.33
C GLU B 6 -28.53 10.75 -11.26
N ASP B 7 -28.15 11.91 -10.71
CA ASP B 7 -27.99 13.11 -11.54
C ASP B 7 -26.67 13.15 -12.37
N GLY B 8 -25.80 12.15 -12.20
CA GLY B 8 -24.53 12.04 -12.89
C GLY B 8 -23.49 13.09 -12.51
N LEU B 9 -23.72 13.85 -11.41
CA LEU B 9 -22.78 14.90 -11.01
C LEU B 9 -21.86 14.55 -9.83
N SER B 10 -21.89 13.29 -9.37
CA SER B 10 -21.02 12.81 -8.30
C SER B 10 -20.88 11.29 -8.43
N TYR B 11 -19.92 10.70 -7.71
CA TYR B 11 -19.61 9.29 -7.82
C TYR B 11 -19.49 8.67 -6.44
N LYS B 12 -20.05 7.44 -6.23
CA LYS B 12 -19.97 6.73 -4.96
C LYS B 12 -19.32 5.37 -5.11
N GLU B 13 -18.56 4.94 -4.10
CA GLU B 13 -17.94 3.63 -4.11
C GLU B 13 -17.77 3.11 -2.69
N LYS B 14 -17.93 1.81 -2.51
CA LYS B 14 -17.76 1.16 -1.21
C LYS B 14 -16.45 0.39 -1.19
N PHE B 15 -15.81 0.34 -0.01
CA PHE B 15 -14.55 -0.36 0.19
C PHE B 15 -14.60 -1.10 1.51
N VAL B 16 -14.09 -2.34 1.53
CA VAL B 16 -14.00 -3.12 2.76
C VAL B 16 -12.56 -2.91 3.24
N VAL B 17 -12.35 -2.43 4.48
CA VAL B 17 -11.00 -2.20 5.02
C VAL B 17 -10.19 -3.54 5.17
N ARG B 18 -8.99 -3.59 4.56
CA ARG B 18 -8.09 -4.77 4.55
C ARG B 18 -7.17 -4.90 5.76
N SER B 19 -6.72 -6.14 6.10
CA SER B 19 -5.83 -6.39 7.24
C SER B 19 -4.52 -5.58 7.18
N TYR B 20 -3.89 -5.45 6.00
CA TYR B 20 -2.63 -4.70 5.85
C TYR B 20 -2.83 -3.17 5.78
N GLU B 21 -4.05 -2.70 5.70
CA GLU B 21 -4.41 -1.27 5.61
C GLU B 21 -4.60 -0.61 6.99
N VAL B 22 -4.56 -1.39 8.09
CA VAL B 22 -4.81 -0.85 9.42
C VAL B 22 -3.54 -0.70 10.26
N GLY B 23 -3.60 0.23 11.21
CA GLY B 23 -2.53 0.48 12.18
C GLY B 23 -2.72 -0.27 13.47
N SER B 24 -2.00 0.14 14.53
CA SER B 24 -2.02 -0.52 15.86
C SER B 24 -3.40 -0.52 16.57
N ASN B 25 -4.29 0.41 16.23
CA ASN B 25 -5.65 0.44 16.78
C ASN B 25 -6.67 -0.42 15.96
N LYS B 26 -6.17 -1.20 14.97
CA LYS B 26 -6.97 -2.03 14.06
C LYS B 26 -7.99 -1.22 13.26
N THR B 27 -7.67 0.06 12.99
CA THR B 27 -8.49 0.95 12.14
C THR B 27 -7.59 1.49 11.00
N ALA B 28 -8.21 1.90 9.89
CA ALA B 28 -7.49 2.36 8.71
C ALA B 28 -6.55 3.52 9.00
N THR B 29 -5.33 3.48 8.44
CA THR B 29 -4.41 4.60 8.60
C THR B 29 -4.90 5.79 7.74
N VAL B 30 -4.38 7.01 7.97
CA VAL B 30 -4.75 8.15 7.14
C VAL B 30 -4.21 7.96 5.70
N GLU B 31 -3.11 7.20 5.53
CA GLU B 31 -2.58 6.91 4.20
C GLU B 31 -3.49 5.97 3.44
N THR B 32 -4.11 4.99 4.12
CA THR B 32 -5.09 4.12 3.49
C THR B 32 -6.29 4.96 3.06
N ILE B 33 -6.76 5.87 3.92
CA ILE B 33 -7.86 6.76 3.56
C ILE B 33 -7.50 7.59 2.31
N ALA B 34 -6.31 8.22 2.31
CA ALA B 34 -5.84 9.03 1.17
C ALA B 34 -5.75 8.22 -0.12
N ASN B 35 -5.34 6.93 -0.05
CA ASN B 35 -5.29 6.06 -1.23
C ASN B 35 -6.72 5.80 -1.74
N LEU B 36 -7.68 5.55 -0.83
CA LEU B 36 -9.08 5.30 -1.21
C LEU B 36 -9.68 6.56 -1.84
N LEU B 37 -9.32 7.76 -1.33
CA LEU B 37 -9.81 9.00 -1.94
C LEU B 37 -9.32 9.12 -3.37
N GLN B 38 -8.04 8.80 -3.63
CA GLN B 38 -7.50 8.89 -4.96
C GLN B 38 -8.10 7.81 -5.88
N GLU B 39 -8.38 6.61 -5.34
CA GLU B 39 -9.01 5.54 -6.10
C GLU B 39 -10.43 5.91 -6.56
N VAL B 40 -11.24 6.50 -5.67
CA VAL B 40 -12.59 6.89 -6.04
C VAL B 40 -12.56 8.08 -7.05
N GLY B 41 -11.56 8.96 -6.93
CA GLY B 41 -11.37 10.08 -7.85
C GLY B 41 -11.04 9.55 -9.25
N CYS B 42 -10.19 8.51 -9.32
N CYS B 42 -10.20 8.52 -9.32
N CYS B 42 -10.19 8.51 -9.32
CA CYS B 42 -9.80 7.88 -10.58
CA CYS B 42 -9.82 7.93 -10.58
CA CYS B 42 -9.80 7.88 -10.58
C CYS B 42 -11.00 7.19 -11.24
C CYS B 42 -11.01 7.20 -11.23
C CYS B 42 -11.00 7.19 -11.24
N ASN B 43 -11.84 6.51 -10.44
CA ASN B 43 -13.02 5.81 -10.94
C ASN B 43 -14.10 6.81 -11.42
N HIS B 44 -14.21 7.97 -10.77
CA HIS B 44 -15.12 9.02 -11.21
C HIS B 44 -14.67 9.55 -12.60
N ALA B 45 -13.36 9.87 -12.77
CA ALA B 45 -12.80 10.33 -14.05
C ALA B 45 -13.01 9.29 -15.19
N GLN B 46 -12.79 8.00 -14.91
CA GLN B 46 -13.00 6.96 -15.91
C GLN B 46 -14.47 6.87 -16.34
N SER B 47 -15.37 6.94 -15.36
CA SER B 47 -16.80 6.85 -15.60
C SER B 47 -17.32 7.93 -16.52
N VAL B 48 -16.67 9.10 -16.59
CA VAL B 48 -17.14 10.16 -17.48
C VAL B 48 -16.22 10.40 -18.70
N GLY B 49 -15.34 9.46 -19.00
CA GLY B 49 -14.49 9.50 -20.19
C GLY B 49 -13.18 10.27 -20.17
N PHE B 50 -12.68 10.66 -19.00
CA PHE B 50 -11.42 11.40 -18.92
C PHE B 50 -10.22 10.45 -18.84
N SER B 51 -8.97 11.01 -18.86
CA SER B 51 -7.77 10.17 -18.70
C SER B 51 -7.78 9.56 -17.30
N THR B 52 -7.22 8.40 -17.19
CA THR B 52 -7.25 7.65 -15.94
C THR B 52 -5.89 7.62 -15.19
N ASP B 53 -4.81 8.10 -15.82
CA ASP B 53 -3.45 8.13 -15.26
C ASP B 53 -3.20 9.04 -14.03
N GLY B 54 -4.24 9.52 -13.39
CA GLY B 54 -4.13 10.42 -12.25
C GLY B 54 -4.21 11.90 -12.61
N PHE B 55 -4.09 12.22 -13.92
CA PHE B 55 -4.13 13.60 -14.37
C PHE B 55 -5.52 14.09 -14.75
N ALA B 56 -6.49 13.16 -14.99
CA ALA B 56 -7.88 13.46 -15.37
C ALA B 56 -7.93 14.46 -16.53
N THR B 57 -7.14 14.17 -17.56
CA THR B 57 -6.94 14.98 -18.74
C THR B 57 -8.06 14.89 -19.78
N THR B 58 -8.39 16.04 -20.36
CA THR B 58 -9.39 16.13 -21.42
C THR B 58 -8.68 16.20 -22.79
N THR B 59 -9.45 16.07 -23.88
CA THR B 59 -8.96 16.09 -25.25
C THR B 59 -8.06 17.30 -25.56
N THR B 60 -8.50 18.51 -25.22
CA THR B 60 -7.72 19.72 -25.50
C THR B 60 -6.47 19.82 -24.59
N MET B 61 -6.51 19.26 -23.37
CA MET B 61 -5.36 19.25 -22.48
C MET B 61 -4.25 18.33 -23.01
N ARG B 62 -4.62 17.15 -23.52
CA ARG B 62 -3.66 16.17 -24.06
C ARG B 62 -2.81 16.74 -25.21
N LYS B 63 -3.44 17.47 -26.13
CA LYS B 63 -2.75 18.06 -27.28
C LYS B 63 -1.76 19.16 -26.84
N LEU B 64 -2.15 19.93 -25.81
CA LEU B 64 -1.32 21.01 -25.29
C LEU B 64 -0.29 20.57 -24.24
N HIS B 65 -0.22 19.26 -23.93
CA HIS B 65 0.65 18.68 -22.92
C HIS B 65 0.37 19.30 -21.53
N LEU B 66 -0.93 19.51 -21.19
CA LEU B 66 -1.35 20.04 -19.90
C LEU B 66 -1.90 18.93 -19.00
N ILE B 67 -1.64 19.04 -17.68
CA ILE B 67 -2.11 18.10 -16.65
C ILE B 67 -2.63 18.87 -15.42
N TRP B 68 -3.44 18.19 -14.60
CA TRP B 68 -3.88 18.69 -13.30
C TRP B 68 -2.90 18.17 -12.26
N VAL B 69 -2.46 19.04 -11.38
CA VAL B 69 -1.54 18.69 -10.30
C VAL B 69 -2.11 19.20 -8.98
N THR B 70 -1.92 18.46 -7.88
CA THR B 70 -2.41 18.88 -6.57
C THR B 70 -1.60 20.00 -5.96
N ALA B 71 -2.28 21.06 -5.54
CA ALA B 71 -1.65 22.17 -4.84
C ALA B 71 -1.85 22.00 -3.32
N ARG B 72 -3.01 21.47 -2.90
CA ARG B 72 -3.32 21.32 -1.48
C ARG B 72 -4.28 20.15 -1.27
N MET B 73 -4.07 19.39 -0.18
CA MET B 73 -4.93 18.29 0.26
C MET B 73 -5.32 18.61 1.72
N HIS B 74 -6.61 18.49 2.05
CA HIS B 74 -7.09 18.74 3.41
C HIS B 74 -8.05 17.60 3.79
N ILE B 75 -7.73 16.87 4.87
CA ILE B 75 -8.54 15.74 5.29
C ILE B 75 -8.90 15.82 6.79
N GLU B 76 -10.18 15.61 7.12
N GLU B 76 -10.19 15.61 7.12
N GLU B 76 -10.18 15.61 7.12
CA GLU B 76 -10.64 15.58 8.50
CA GLU B 76 -10.68 15.60 8.50
CA GLU B 76 -10.64 15.58 8.50
C GLU B 76 -11.36 14.26 8.77
C GLU B 76 -11.38 14.27 8.78
C GLU B 76 -11.36 14.26 8.77
N ILE B 77 -10.86 13.49 9.75
CA ILE B 77 -11.43 12.21 10.12
C ILE B 77 -12.04 12.25 11.53
N TYR B 78 -13.33 11.91 11.65
CA TYR B 78 -14.01 11.83 12.95
C TYR B 78 -13.88 10.41 13.50
N LYS B 79 -14.00 9.40 12.63
CA LYS B 79 -13.87 8.02 13.05
C LYS B 79 -13.20 7.21 11.94
N TYR B 80 -12.09 6.56 12.24
CA TYR B 80 -11.38 5.73 11.28
C TYR B 80 -12.11 4.39 11.19
N PRO B 81 -12.40 3.90 9.96
CA PRO B 81 -13.12 2.63 9.84
C PRO B 81 -12.28 1.46 10.31
N ALA B 82 -12.89 0.51 10.98
CA ALA B 82 -12.20 -0.66 11.48
C ALA B 82 -11.93 -1.68 10.38
N TRP B 83 -10.94 -2.54 10.62
CA TRP B 83 -10.61 -3.67 9.75
C TRP B 83 -11.88 -4.55 9.54
N GLY B 84 -12.23 -4.77 8.28
CA GLY B 84 -13.44 -5.53 7.95
C GLY B 84 -14.69 -4.69 7.80
N ASP B 85 -14.63 -3.40 8.18
CA ASP B 85 -15.77 -2.50 8.03
C ASP B 85 -15.91 -2.01 6.58
N VAL B 86 -17.12 -1.63 6.19
CA VAL B 86 -17.37 -1.11 4.86
C VAL B 86 -17.51 0.40 4.96
N VAL B 87 -16.71 1.13 4.19
CA VAL B 87 -16.78 2.59 4.14
C VAL B 87 -17.34 3.01 2.76
N GLU B 88 -18.25 4.01 2.73
CA GLU B 88 -18.77 4.50 1.46
C GLU B 88 -18.21 5.91 1.22
N ILE B 89 -17.61 6.15 0.06
CA ILE B 89 -17.04 7.43 -0.26
C ILE B 89 -17.73 8.06 -1.47
N GLU B 90 -18.24 9.28 -1.29
CA GLU B 90 -18.87 10.03 -2.39
C GLU B 90 -17.90 11.18 -2.78
N THR B 91 -17.68 11.39 -4.08
CA THR B 91 -16.78 12.43 -4.56
C THR B 91 -17.39 13.24 -5.74
N TRP B 92 -16.99 14.49 -5.84
CA TRP B 92 -17.42 15.36 -6.91
C TRP B 92 -16.35 16.44 -7.16
N CYS B 93 -16.41 17.07 -8.33
CA CYS B 93 -15.48 18.14 -8.72
C CYS B 93 -16.22 19.44 -8.94
N GLN B 94 -15.51 20.56 -8.80
CA GLN B 94 -16.06 21.88 -9.10
C GLN B 94 -14.98 22.75 -9.70
N SER B 95 -15.36 23.58 -10.66
CA SER B 95 -14.45 24.53 -11.26
C SER B 95 -14.34 25.74 -10.29
N GLU B 96 -13.14 26.32 -10.16
CA GLU B 96 -12.96 27.50 -9.33
C GLU B 96 -12.46 28.63 -10.21
N GLY B 97 -13.21 28.91 -11.26
CA GLY B 97 -12.87 29.95 -12.22
C GLY B 97 -11.60 29.62 -12.96
N ARG B 98 -10.74 30.62 -13.15
CA ARG B 98 -9.46 30.44 -13.84
C ARG B 98 -8.37 29.86 -12.94
N ILE B 99 -8.55 29.88 -11.61
CA ILE B 99 -7.55 29.39 -10.66
C ILE B 99 -7.24 27.90 -10.85
N GLY B 100 -8.29 27.10 -10.95
CA GLY B 100 -8.14 25.66 -11.10
C GLY B 100 -9.41 24.91 -10.77
N THR B 101 -9.26 23.70 -10.25
CA THR B 101 -10.39 22.86 -9.90
C THR B 101 -10.31 22.40 -8.43
N ARG B 102 -11.40 21.90 -7.92
CA ARG B 102 -11.47 21.38 -6.57
C ARG B 102 -12.12 20.00 -6.62
N ARG B 103 -11.56 19.01 -5.90
CA ARG B 103 -12.21 17.72 -5.78
C ARG B 103 -12.57 17.59 -4.30
N ASP B 104 -13.82 17.24 -4.00
CA ASP B 104 -14.28 17.04 -2.63
C ASP B 104 -14.71 15.59 -2.35
N TRP B 105 -14.63 15.15 -1.08
CA TRP B 105 -15.07 13.81 -0.71
C TRP B 105 -15.84 13.83 0.64
N ILE B 106 -16.78 12.88 0.79
CA ILE B 106 -17.51 12.65 2.04
C ILE B 106 -17.38 11.16 2.32
N LEU B 107 -16.90 10.81 3.51
N LEU B 107 -16.90 10.81 3.51
N LEU B 107 -16.90 10.81 3.51
CA LEU B 107 -16.75 9.41 3.92
CA LEU B 107 -16.76 9.41 3.91
CA LEU B 107 -16.75 9.41 3.92
C LEU B 107 -17.87 9.06 4.89
C LEU B 107 -17.87 9.06 4.89
C LEU B 107 -17.87 9.06 4.89
N LYS B 108 -18.52 7.92 4.68
CA LYS B 108 -19.61 7.48 5.55
C LYS B 108 -19.44 6.03 5.97
N ASP B 109 -19.93 5.70 7.17
CA ASP B 109 -19.98 4.34 7.66
C ASP B 109 -21.18 3.72 6.87
N SER B 110 -20.97 2.63 6.14
CA SER B 110 -22.03 2.04 5.31
C SER B 110 -23.21 1.49 6.11
N VAL B 111 -22.93 0.95 7.30
CA VAL B 111 -23.97 0.38 8.13
C VAL B 111 -24.86 1.44 8.77
N THR B 112 -24.26 2.44 9.44
CA THR B 112 -25.02 3.48 10.14
C THR B 112 -25.43 4.68 9.26
N GLY B 113 -24.73 4.89 8.14
CA GLY B 113 -24.99 6.01 7.25
C GLY B 113 -24.45 7.35 7.75
N GLU B 114 -23.73 7.36 8.87
CA GLU B 114 -23.21 8.59 9.44
C GLU B 114 -21.90 9.07 8.79
N VAL B 115 -21.69 10.39 8.73
CA VAL B 115 -20.47 10.95 8.16
C VAL B 115 -19.29 10.75 9.12
N THR B 116 -18.31 9.96 8.71
CA THR B 116 -17.11 9.67 9.50
C THR B 116 -15.88 10.49 9.09
N GLY B 117 -15.94 11.18 7.95
CA GLY B 117 -14.82 11.98 7.46
C GLY B 117 -15.17 12.85 6.27
N ARG B 118 -14.31 13.81 5.96
CA ARG B 118 -14.48 14.65 4.79
C ARG B 118 -13.14 15.17 4.30
N ALA B 119 -13.04 15.43 3.00
CA ALA B 119 -11.79 15.89 2.44
C ALA B 119 -12.00 16.83 1.26
N THR B 120 -11.01 17.68 1.01
CA THR B 120 -11.05 18.62 -0.10
C THR B 120 -9.67 18.78 -0.68
N SER B 121 -9.58 19.01 -1.99
CA SER B 121 -8.29 19.18 -2.63
C SER B 121 -8.34 20.23 -3.74
N LYS B 122 -7.31 21.06 -3.82
CA LYS B 122 -7.16 22.11 -4.82
C LYS B 122 -6.16 21.63 -5.90
N TRP B 123 -6.53 21.76 -7.16
CA TRP B 123 -5.73 21.33 -8.28
C TRP B 123 -5.44 22.51 -9.22
N VAL B 124 -4.23 22.59 -9.75
CA VAL B 124 -3.85 23.64 -10.71
C VAL B 124 -3.41 23.01 -12.03
N MET B 125 -3.51 23.77 -13.12
CA MET B 125 -3.12 23.29 -14.43
C MET B 125 -1.63 23.56 -14.65
N MET B 126 -0.91 22.57 -15.14
CA MET B 126 0.52 22.68 -15.36
C MET B 126 0.90 22.07 -16.70
N ASN B 127 1.91 22.65 -17.38
CA ASN B 127 2.45 22.03 -18.59
C ASN B 127 3.33 20.88 -18.07
N GLN B 128 3.09 19.63 -18.51
CA GLN B 128 3.85 18.47 -17.98
C GLN B 128 5.37 18.48 -18.29
N ASP B 129 5.79 19.22 -19.32
CA ASP B 129 7.20 19.29 -19.71
C ASP B 129 7.94 20.45 -19.04
N THR B 130 7.47 21.70 -19.23
CA THR B 130 8.15 22.86 -18.64
C THR B 130 7.88 23.05 -17.16
N ARG B 131 6.83 22.39 -16.62
CA ARG B 131 6.36 22.50 -15.23
C ARG B 131 5.80 23.89 -14.94
N ARG B 132 5.39 24.64 -15.97
CA ARG B 132 4.84 25.97 -15.79
C ARG B 132 3.34 25.94 -15.58
N LEU B 133 2.89 26.63 -14.54
CA LEU B 133 1.48 26.74 -14.19
C LEU B 133 0.79 27.72 -15.11
N GLN B 134 -0.52 27.53 -15.30
CA GLN B 134 -1.32 28.45 -16.11
C GLN B 134 -2.76 28.52 -15.61
N LYS B 135 -3.47 29.59 -15.99
CA LYS B 135 -4.88 29.72 -15.63
C LYS B 135 -5.72 28.82 -16.55
N VAL B 136 -6.93 28.50 -16.12
CA VAL B 136 -7.81 27.63 -16.90
C VAL B 136 -8.49 28.41 -18.04
N SER B 137 -8.35 27.91 -19.27
CA SER B 137 -8.95 28.56 -20.43
C SER B 137 -10.46 28.24 -20.53
N ASP B 138 -11.19 29.00 -21.39
CA ASP B 138 -12.61 28.78 -21.61
C ASP B 138 -12.85 27.40 -22.19
N ASP B 139 -12.02 27.00 -23.18
CA ASP B 139 -12.12 25.70 -23.85
C ASP B 139 -12.09 24.55 -22.86
N VAL B 140 -11.22 24.63 -21.84
CA VAL B 140 -11.08 23.57 -20.85
C VAL B 140 -12.18 23.64 -19.79
N ARG B 141 -12.57 24.85 -19.35
CA ARG B 141 -13.65 25.00 -18.37
C ARG B 141 -14.96 24.37 -18.86
N ASP B 142 -15.34 24.65 -20.12
CA ASP B 142 -16.58 24.15 -20.71
C ASP B 142 -16.62 22.64 -20.75
N GLU B 143 -15.47 22.00 -21.06
CA GLU B 143 -15.38 20.55 -21.12
C GLU B 143 -15.56 19.86 -19.77
N TYR B 144 -15.19 20.54 -18.67
CA TYR B 144 -15.31 20.00 -17.31
C TYR B 144 -16.63 20.34 -16.65
N LEU B 145 -17.18 21.54 -16.94
CA LEU B 145 -18.41 22.07 -16.35
C LEU B 145 -19.64 21.18 -16.48
N VAL B 146 -19.78 20.41 -17.57
CA VAL B 146 -20.93 19.50 -17.73
C VAL B 146 -20.88 18.26 -16.79
N PHE B 147 -19.77 18.06 -16.09
CA PHE B 147 -19.59 16.94 -15.14
C PHE B 147 -19.59 17.41 -13.66
N CYS B 148 -19.79 18.71 -13.42
CA CYS B 148 -19.75 19.35 -12.12
C CYS B 148 -21.10 19.94 -11.76
N PRO B 149 -21.45 19.95 -10.45
CA PRO B 149 -22.68 20.67 -10.04
C PRO B 149 -22.55 22.16 -10.36
N GLN B 150 -23.64 22.81 -10.77
CA GLN B 150 -23.57 24.24 -11.13
C GLN B 150 -23.66 25.14 -9.88
N GLU B 151 -24.53 24.78 -8.94
CA GLU B 151 -24.60 25.48 -7.66
C GLU B 151 -23.44 24.98 -6.77
N PRO B 152 -22.87 25.84 -5.89
CA PRO B 152 -21.75 25.37 -5.04
C PRO B 152 -22.13 24.21 -4.14
N ARG B 153 -21.25 23.23 -4.04
CA ARG B 153 -21.42 22.05 -3.21
C ARG B 153 -20.06 21.84 -2.52
N LEU B 154 -19.98 22.12 -1.22
CA LEU B 154 -18.72 22.05 -0.51
C LEU B 154 -18.68 21.06 0.63
N ALA B 155 -17.62 20.26 0.69
CA ALA B 155 -17.41 19.38 1.83
C ALA B 155 -17.10 20.23 3.09
N PHE B 156 -16.48 21.41 2.91
CA PHE B 156 -16.14 22.32 4.00
C PHE B 156 -16.83 23.65 3.77
N PRO B 157 -18.12 23.75 4.13
CA PRO B 157 -18.85 24.99 3.85
C PRO B 157 -18.65 26.13 4.86
N GLU B 158 -18.45 25.80 6.15
CA GLU B 158 -18.26 26.77 7.25
C GLU B 158 -17.35 27.95 6.90
N GLU B 159 -17.75 29.16 7.29
CA GLU B 159 -16.93 30.34 7.01
C GLU B 159 -15.60 30.28 7.78
N ASN B 160 -14.50 30.68 7.12
CA ASN B 160 -13.14 30.63 7.68
C ASN B 160 -12.81 29.25 8.26
N ASN B 161 -12.98 28.18 7.45
CA ASN B 161 -12.70 26.82 7.91
C ASN B 161 -11.19 26.46 7.78
N ARG B 162 -10.77 25.34 8.40
CA ARG B 162 -9.36 24.91 8.42
C ARG B 162 -8.76 24.62 7.04
N SER B 163 -9.60 24.27 6.04
CA SER B 163 -9.10 23.92 4.71
C SER B 163 -8.53 25.09 3.93
N LEU B 164 -8.86 26.34 4.31
CA LEU B 164 -8.39 27.52 3.58
C LEU B 164 -7.35 28.35 4.34
N LYS B 165 -6.81 27.84 5.46
CA LYS B 165 -5.85 28.61 6.26
C LYS B 165 -4.47 28.70 5.60
N LYS B 166 -3.78 29.83 5.77
CA LYS B 166 -2.44 30.00 5.22
C LYS B 166 -1.46 29.23 6.12
N ILE B 167 -0.54 28.44 5.54
CA ILE B 167 0.42 27.68 6.34
C ILE B 167 1.80 28.35 6.37
N PRO B 168 2.34 28.67 7.57
CA PRO B 168 3.67 29.31 7.62
C PRO B 168 4.84 28.33 7.37
N LYS B 169 6.03 28.88 7.16
CA LYS B 169 7.21 28.05 6.91
C LYS B 169 7.92 27.80 8.23
N LEU B 170 8.12 26.52 8.58
CA LEU B 170 8.78 26.11 9.81
C LEU B 170 10.20 26.72 9.86
N GLU B 171 10.58 27.29 11.01
CA GLU B 171 11.91 27.91 11.17
C GLU B 171 12.89 26.96 11.86
N ASP B 172 14.15 26.89 11.39
CA ASP B 172 15.16 26.04 12.05
C ASP B 172 15.55 26.67 13.40
N PRO B 173 15.82 25.88 14.45
CA PRO B 173 15.79 24.41 14.47
C PRO B 173 14.40 23.79 14.67
N ALA B 174 14.17 22.64 14.03
CA ALA B 174 12.91 21.91 14.21
C ALA B 174 12.94 21.21 15.57
N GLN B 175 11.76 20.99 16.18
CA GLN B 175 11.70 20.29 17.45
C GLN B 175 11.98 18.79 17.24
N TYR B 176 11.42 18.22 16.16
CA TYR B 176 11.59 16.81 15.80
C TYR B 176 11.99 16.68 14.29
N SER B 177 12.68 15.57 13.93
CA SER B 177 13.06 15.36 12.54
C SER B 177 13.23 13.89 12.19
N MET B 178 13.06 13.54 10.94
CA MET B 178 13.31 12.22 10.41
C MET B 178 14.05 12.51 9.09
N ILE B 179 15.31 12.12 8.99
CA ILE B 179 16.11 12.47 7.82
C ILE B 179 16.43 11.27 6.92
N GLY B 180 16.82 11.57 5.70
CA GLY B 180 17.24 10.53 4.76
C GLY B 180 16.13 9.66 4.20
N LEU B 181 14.88 10.16 4.16
CA LEU B 181 13.73 9.45 3.60
C LEU B 181 13.83 9.36 2.05
N LYS B 182 13.69 8.15 1.50
CA LYS B 182 13.81 7.94 0.04
C LYS B 182 12.64 7.10 -0.45
N PRO B 183 12.06 7.43 -1.61
CA PRO B 183 10.99 6.57 -2.15
C PRO B 183 11.54 5.27 -2.76
N ARG B 184 10.81 4.18 -2.60
CA ARG B 184 11.15 2.92 -3.25
C ARG B 184 10.09 2.72 -4.39
N ARG B 185 10.21 1.67 -5.21
CA ARG B 185 9.28 1.48 -6.34
C ARG B 185 7.80 1.43 -5.95
N ALA B 186 7.46 0.86 -4.77
CA ALA B 186 6.08 0.82 -4.29
C ALA B 186 5.52 2.22 -4.04
N ASP B 187 6.37 3.23 -3.84
CA ASP B 187 5.92 4.63 -3.64
C ASP B 187 5.58 5.35 -4.95
N LEU B 188 5.90 4.75 -6.09
CA LEU B 188 5.66 5.38 -7.39
C LEU B 188 4.29 5.01 -7.97
N ASP B 189 3.72 5.90 -8.78
CA ASP B 189 2.47 5.65 -9.48
C ASP B 189 2.77 5.00 -10.85
N MET B 190 1.74 4.79 -11.69
CA MET B 190 1.90 4.19 -13.01
C MET B 190 2.77 5.06 -13.96
N ASN B 191 2.95 6.36 -13.66
CA ASN B 191 3.81 7.24 -14.49
C ASN B 191 5.25 7.38 -13.95
N GLN B 192 5.62 6.56 -12.93
CA GLN B 192 6.93 6.60 -12.28
C GLN B 192 7.18 7.88 -11.49
N HIS B 193 6.12 8.57 -11.09
CA HIS B 193 6.20 9.76 -10.25
C HIS B 193 5.85 9.33 -8.82
N VAL B 194 6.42 10.00 -7.79
CA VAL B 194 6.10 9.66 -6.41
C VAL B 194 4.60 9.95 -6.15
N ASN B 195 3.87 8.96 -5.64
CA ASN B 195 2.44 9.07 -5.34
C ASN B 195 2.22 10.18 -4.30
N ASN B 196 1.18 11.01 -4.46
CA ASN B 196 0.90 12.08 -3.50
C ASN B 196 0.71 11.63 -2.06
N VAL B 197 0.30 10.37 -1.84
CA VAL B 197 0.07 9.83 -0.50
C VAL B 197 1.38 9.59 0.26
N THR B 198 2.46 9.24 -0.46
CA THR B 198 3.80 9.05 0.12
C THR B 198 4.24 10.28 0.94
N TYR B 199 3.96 11.51 0.42
CA TYR B 199 4.34 12.76 1.10
C TYR B 199 3.63 12.88 2.44
N ILE B 200 2.35 12.41 2.54
CA ILE B 200 1.58 12.40 3.78
C ILE B 200 2.32 11.50 4.78
N GLY B 201 2.77 10.32 4.34
CA GLY B 201 3.53 9.42 5.18
C GLY B 201 4.83 10.02 5.69
N TRP B 202 5.59 10.67 4.78
CA TRP B 202 6.85 11.32 5.12
C TRP B 202 6.65 12.44 6.13
N VAL B 203 5.55 13.24 5.99
CA VAL B 203 5.23 14.30 6.97
C VAL B 203 5.06 13.70 8.37
N LEU B 204 4.26 12.62 8.45
CA LEU B 204 3.91 11.92 9.69
C LEU B 204 5.09 11.18 10.33
N GLU B 205 6.17 10.89 9.56
CA GLU B 205 7.34 10.21 10.08
C GLU B 205 8.07 11.00 11.17
N SER B 206 7.99 12.35 11.15
CA SER B 206 8.67 13.13 12.20
C SER B 206 7.79 13.40 13.44
N ILE B 207 6.58 12.84 13.51
CA ILE B 207 5.74 12.94 14.71
C ILE B 207 6.27 11.87 15.66
N PRO B 208 6.53 12.20 16.93
CA PRO B 208 7.04 11.17 17.87
C PRO B 208 6.06 10.00 18.05
N GLN B 209 6.60 8.79 18.25
CA GLN B 209 5.78 7.59 18.44
C GLN B 209 4.81 7.73 19.64
N GLU B 210 5.21 8.45 20.70
CA GLU B 210 4.36 8.68 21.87
C GLU B 210 3.07 9.43 21.52
N ILE B 211 3.14 10.39 20.59
CA ILE B 211 1.94 11.12 20.17
C ILE B 211 1.03 10.14 19.42
N VAL B 212 1.60 9.37 18.49
CA VAL B 212 0.84 8.40 17.69
C VAL B 212 0.17 7.35 18.57
N ASP B 213 0.87 6.87 19.60
CA ASP B 213 0.39 5.86 20.54
C ASP B 213 -0.72 6.35 21.51
N THR B 214 -0.79 7.67 21.79
CA THR B 214 -1.77 8.22 22.73
C THR B 214 -2.78 9.20 22.13
N HIS B 215 -2.66 9.50 20.84
CA HIS B 215 -3.53 10.44 20.15
C HIS B 215 -4.04 9.86 18.84
N GLU B 216 -5.12 10.44 18.33
CA GLU B 216 -5.63 10.09 17.03
C GLU B 216 -5.54 11.33 16.14
N LEU B 217 -5.09 11.14 14.90
CA LEU B 217 -5.00 12.24 13.94
C LEU B 217 -6.41 12.69 13.52
N GLN B 218 -6.76 13.94 13.79
CA GLN B 218 -8.08 14.45 13.43
C GLN B 218 -8.07 15.25 12.11
N VAL B 219 -7.05 16.13 11.90
CA VAL B 219 -6.99 16.97 10.69
C VAL B 219 -5.57 17.00 10.15
N ILE B 220 -5.43 17.00 8.81
CA ILE B 220 -4.16 17.18 8.15
C ILE B 220 -4.36 18.10 6.94
N THR B 221 -3.57 19.16 6.84
CA THR B 221 -3.59 20.07 5.70
C THR B 221 -2.18 20.03 5.13
N LEU B 222 -2.06 19.72 3.83
CA LEU B 222 -0.76 19.61 3.19
C LEU B 222 -0.70 20.42 1.88
N ASP B 223 0.28 21.35 1.77
CA ASP B 223 0.58 22.10 0.56
C ASP B 223 1.69 21.35 -0.21
N TYR B 224 1.57 21.30 -1.55
CA TYR B 224 2.52 20.65 -2.45
C TYR B 224 3.21 21.77 -3.27
N ARG B 225 4.50 21.94 -3.08
CA ARG B 225 5.24 23.01 -3.73
C ARG B 225 6.10 22.52 -4.88
N ARG B 226 6.69 21.36 -4.70
CA ARG B 226 7.63 20.79 -5.63
C ARG B 226 7.61 19.29 -5.44
N GLU B 227 7.89 18.59 -6.50
CA GLU B 227 7.91 17.15 -6.51
C GLU B 227 9.24 16.55 -6.04
N CYS B 228 9.18 15.40 -5.35
CA CYS B 228 10.39 14.66 -4.98
C CYS B 228 10.60 13.70 -6.17
N GLN B 229 11.78 13.73 -6.76
CA GLN B 229 12.10 12.82 -7.86
C GLN B 229 12.49 11.45 -7.29
N GLN B 230 12.51 10.43 -8.15
CA GLN B 230 12.84 9.06 -7.80
C GLN B 230 14.20 8.93 -7.08
N ASP B 231 15.21 9.73 -7.48
CA ASP B 231 16.53 9.68 -6.86
C ASP B 231 16.81 10.83 -5.85
N ASP B 232 15.76 11.51 -5.39
CA ASP B 232 15.91 12.57 -4.39
C ASP B 232 15.85 11.96 -2.97
N VAL B 233 16.34 12.69 -1.97
CA VAL B 233 16.32 12.26 -0.57
C VAL B 233 15.66 13.41 0.21
N VAL B 234 14.77 13.07 1.14
CA VAL B 234 13.96 14.02 1.88
C VAL B 234 14.19 14.02 3.39
N ASP B 235 14.08 15.21 3.99
CA ASP B 235 14.13 15.41 5.44
C ASP B 235 12.72 15.89 5.86
N SER B 236 12.15 15.28 6.90
CA SER B 236 10.82 15.60 7.42
C SER B 236 10.99 16.32 8.77
N LEU B 237 10.47 17.53 8.89
CA LEU B 237 10.64 18.35 10.08
C LEU B 237 9.29 18.70 10.70
N THR B 238 9.19 18.69 12.04
CA THR B 238 7.99 18.97 12.82
C THR B 238 8.30 19.78 14.09
N THR B 239 7.44 20.76 14.41
CA THR B 239 7.50 21.54 15.63
C THR B 239 6.09 21.66 16.19
N THR B 240 5.94 21.43 17.50
CA THR B 240 4.64 21.57 18.16
C THR B 240 4.25 23.05 18.17
N THR B 241 3.01 23.38 17.81
CA THR B 241 2.55 24.78 17.86
C THR B 241 1.44 25.01 18.92
N SER B 242 0.97 23.95 19.59
CA SER B 242 -0.08 24.11 20.62
C SER B 242 0.49 24.56 21.98
N ASP B 260 -5.76 19.03 22.94
CA ASP B 260 -5.42 18.83 21.53
C ASP B 260 -3.92 19.18 21.29
N SER B 261 -3.29 18.48 20.34
CA SER B 261 -1.90 18.78 19.98
C SER B 261 -1.88 19.19 18.50
N GLN B 262 -1.23 20.30 18.19
CA GLN B 262 -1.09 20.80 16.82
C GLN B 262 0.40 20.87 16.50
N PHE B 263 0.74 20.60 15.25
CA PHE B 263 2.11 20.62 14.78
C PHE B 263 2.21 21.35 13.45
N LEU B 264 3.38 21.91 13.19
CA LEU B 264 3.73 22.55 11.94
C LEU B 264 4.75 21.61 11.28
N HIS B 265 4.63 21.37 9.98
CA HIS B 265 5.48 20.43 9.28
C HIS B 265 6.15 21.04 8.07
N LEU B 266 7.31 20.50 7.71
CA LEU B 266 8.07 20.89 6.53
C LEU B 266 8.84 19.70 5.95
N LEU B 267 8.64 19.40 4.65
CA LEU B 267 9.43 18.39 3.92
C LEU B 267 10.36 19.20 3.01
N ARG B 268 11.64 18.89 3.04
CA ARG B 268 12.63 19.58 2.20
C ARG B 268 13.69 18.61 1.67
N LEU B 269 14.34 18.91 0.56
CA LEU B 269 15.37 18.03 0.01
C LEU B 269 16.57 18.03 0.96
N SER B 270 17.06 16.83 1.26
CA SER B 270 18.16 16.58 2.20
C SER B 270 19.43 17.40 1.96
N GLY B 271 19.74 17.64 0.70
CA GLY B 271 20.93 18.38 0.34
C GLY B 271 20.77 19.87 0.44
N ASP B 272 20.25 20.49 -0.63
CA ASP B 272 20.12 21.95 -0.70
C ASP B 272 19.02 22.56 0.19
N GLY B 273 18.16 21.73 0.81
CA GLY B 273 17.11 22.25 1.68
C GLY B 273 15.94 22.90 0.95
N GLN B 274 15.77 22.56 -0.32
CA GLN B 274 14.67 23.01 -1.17
C GLN B 274 13.33 22.49 -0.62
N GLU B 275 12.36 23.39 -0.38
CA GLU B 275 11.05 22.98 0.13
C GLU B 275 10.25 22.16 -0.90
N ILE B 276 9.72 21.00 -0.48
CA ILE B 276 8.85 20.23 -1.35
C ILE B 276 7.38 20.31 -0.85
N ASN B 277 7.16 20.32 0.50
CA ASN B 277 5.83 20.45 1.11
C ASN B 277 5.89 21.19 2.45
N ARG B 278 4.75 21.75 2.85
CA ARG B 278 4.54 22.30 4.19
C ARG B 278 3.13 21.88 4.62
N GLY B 279 2.94 21.71 5.92
CA GLY B 279 1.64 21.29 6.41
C GLY B 279 1.42 21.49 7.88
N THR B 280 0.19 21.20 8.32
CA THR B 280 -0.20 21.24 9.73
C THR B 280 -1.03 19.98 10.05
N THR B 281 -0.90 19.47 11.28
CA THR B 281 -1.75 18.36 11.74
C THR B 281 -2.37 18.72 13.10
N LEU B 282 -3.58 18.20 13.36
CA LEU B 282 -4.27 18.39 14.64
C LEU B 282 -4.61 17.00 15.18
N TRP B 283 -4.22 16.72 16.42
CA TRP B 283 -4.39 15.41 17.05
C TRP B 283 -5.24 15.52 18.33
N ARG B 284 -6.18 14.57 18.53
CA ARG B 284 -7.02 14.52 19.73
C ARG B 284 -6.52 13.41 20.68
N LYS B 285 -6.54 13.64 22.01
CA LYS B 285 -6.14 12.62 22.98
C LYS B 285 -7.16 11.47 22.94
N LYS B 286 -6.68 10.21 22.89
CA LYS B 286 -7.55 9.03 22.84
C LYS B 286 -8.46 8.93 24.07
S SO4 C . -0.81 -20.79 8.45
O1 SO4 C . -0.04 -21.71 7.61
O2 SO4 C . -1.64 -21.55 9.39
O3 SO4 C . 0.16 -19.94 9.18
O4 SO4 C . -1.67 -19.97 7.59
S SO4 D . 13.26 -13.28 14.50
O1 SO4 D . 14.37 -14.21 14.75
O2 SO4 D . 12.43 -13.23 15.70
O3 SO4 D . 13.83 -11.94 14.28
O4 SO4 D . 12.46 -13.78 13.37
S SO4 E . 6.86 -5.91 -10.42
O1 SO4 E . 8.28 -6.28 -10.26
O2 SO4 E . 6.12 -7.03 -10.99
O3 SO4 E . 6.27 -5.50 -9.13
O4 SO4 E . 6.78 -4.79 -11.40
N1 A1AJ2 F . 7.85 -11.60 11.97
C4 A1AJ2 F . 7.97 -12.01 14.74
C5 A1AJ2 F . 8.03 -12.16 16.14
C6 A1AJ2 F . 7.04 -11.66 16.94
C7 A1AJ2 F . 5.92 -11.04 16.36
C8 A1AJ2 F . 5.85 -10.83 15.01
C A1AJ2 F . 5.72 -10.10 10.78
N A1AJ2 F . 5.81 -10.46 12.19
C1 A1AJ2 F . 6.86 -11.13 12.73
C9 A1AJ2 F . 6.88 -11.31 14.17
C3 A1AJ2 F . 9.00 -12.46 13.88
C2 A1AJ2 F . 8.89 -12.22 12.54
N1 A1AJ2 G . 3.16 15.57 -9.46
C4 A1AJ2 G . 4.10 16.33 -11.99
C5 A1AJ2 G . 4.59 16.68 -13.26
C6 A1AJ2 G . 4.50 15.79 -14.31
C7 A1AJ2 G . 3.87 14.56 -14.12
C8 A1AJ2 G . 3.42 14.16 -12.90
C A1AJ2 G . 2.12 12.94 -8.99
N A1AJ2 G . 2.51 13.47 -10.28
C1 A1AJ2 G . 3.05 14.69 -10.47
C9 A1AJ2 G . 3.51 15.05 -11.80
C3 A1AJ2 G . 4.23 17.18 -10.86
C2 A1AJ2 G . 3.76 16.76 -9.67
S SO4 H . -9.83 17.14 -10.77
O1 SO4 H . -8.44 17.43 -11.13
O2 SO4 H . -9.96 15.75 -10.32
O3 SO4 H . -10.22 18.05 -9.66
O4 SO4 H . -10.68 17.33 -11.95
S SO4 I . -2.79 7.36 11.43
O1 SO4 I . -2.48 6.82 10.09
O2 SO4 I . -2.57 6.33 12.45
O3 SO4 I . -1.89 8.50 11.75
O4 SO4 I . -4.18 7.82 11.57
S SO4 J . 6.89 20.46 -9.91
O1 SO4 J . 8.04 19.77 -9.33
O2 SO4 J . 5.65 20.15 -9.20
O3 SO4 J . 7.14 21.92 -9.80
O4 SO4 J . 6.76 20.15 -11.34
#